data_6AAQ
#
_entry.id   6AAQ
#
_cell.length_a   101.981
_cell.length_b   44.244
_cell.length_c   72.660
_cell.angle_alpha   90.00
_cell.angle_beta   118.28
_cell.angle_gamma   90.00
#
_symmetry.space_group_name_H-M   'C 1 2 1'
#
loop_
_entity.id
_entity.type
_entity.pdbx_description
1 polymer 'Pyrrolysine--tRNA ligase'
2 non-polymer 'MAGNESIUM ION'
3 non-polymer "ADENOSINE-5'-TRIPHOSPHATE"
4 non-polymer N6-({[(1R,8S,9s)-bicyclo[6.1.0]non-4-yn-9-yl]methoxy}carbonyl)-L-lysine
5 non-polymer 'POTASSIUM ION'
6 water water
#
_entity_poly.entity_id   1
_entity_poly.type   'polypeptide(L)'
_entity_poly.pdbx_seq_one_letter_code
;GSHMASAPALTKSQTDRLEVLLNPKDEISLNSGKPFRELESELLSRRKKDLQQIYAEERENYLGKLEREITRFFVDRGFL
EIKSPILIPLEYIERMGIDNDTELSKQIFRVDKNFCLRPMLAPNLANYLRKLDRALPDPIKIFEIGPCYRKESDGKEHLE
EFTMLNFCQMGSGCTRENLESIITDFLNHLGIDFKIVGDSCMVFGDTLDVMHGDLELSSAVVGPIPLDREWGIDKPWIGA
GFGLERLLKVKHDFKNIKRAARSGSYYNGISTNL
;
_entity_poly.pdbx_strand_id   A
#
loop_
_chem_comp.id
_chem_comp.type
_chem_comp.name
_chem_comp.formula
ATP non-polymer ADENOSINE-5'-TRIPHOSPHATE 'C10 H16 N5 O13 P3'
K non-polymer 'POTASSIUM ION' 'K 1'
MG non-polymer 'MAGNESIUM ION' 'Mg 2'
#
# COMPACT_ATOMS: atom_id res chain seq x y z
N PRO A 8 26.04 -25.00 18.07
CA PRO A 8 25.09 -26.07 17.72
C PRO A 8 23.98 -25.62 16.77
N ALA A 9 22.75 -25.93 17.17
CA ALA A 9 21.54 -25.65 16.40
C ALA A 9 20.77 -24.49 17.02
N LEU A 10 20.12 -23.70 16.15
CA LEU A 10 19.37 -22.54 16.59
C LEU A 10 17.93 -22.90 16.92
N THR A 11 17.44 -22.37 18.05
CA THR A 11 16.03 -22.56 18.36
C THR A 11 15.16 -21.71 17.44
N LYS A 12 13.85 -21.97 17.47
CA LYS A 12 12.94 -21.13 16.72
CA LYS A 12 12.93 -21.13 16.72
C LYS A 12 12.99 -19.68 17.22
N SER A 13 13.06 -19.49 18.55
CA SER A 13 13.14 -18.11 19.08
CA SER A 13 13.13 -18.11 19.07
C SER A 13 14.40 -17.41 18.60
N GLN A 14 15.52 -18.14 18.55
CA GLN A 14 16.78 -17.56 18.08
C GLN A 14 16.72 -17.21 16.60
N THR A 15 16.23 -18.13 15.74
CA THR A 15 16.10 -17.82 14.32
CA THR A 15 16.14 -17.78 14.34
C THR A 15 15.16 -16.64 14.09
N ASP A 16 14.05 -16.58 14.86
CA ASP A 16 13.13 -15.46 14.72
C ASP A 16 13.82 -14.14 15.03
N ARG A 17 14.64 -14.11 16.09
CA ARG A 17 15.36 -12.89 16.44
C ARG A 17 16.33 -12.48 15.34
N LEU A 18 17.06 -13.44 14.78
CA LEU A 18 17.99 -13.11 13.71
C LEU A 18 17.25 -12.63 12.46
N GLU A 19 16.07 -13.22 12.17
CA GLU A 19 15.32 -12.76 10.99
C GLU A 19 14.84 -11.32 11.17
N VAL A 20 14.48 -10.95 12.40
CA VAL A 20 14.11 -9.56 12.67
C VAL A 20 15.27 -8.61 12.33
N LEU A 21 16.49 -9.01 12.64
CA LEU A 21 17.67 -8.16 12.48
C LEU A 21 18.28 -8.23 11.08
N LEU A 22 17.91 -9.23 10.28
CA LEU A 22 18.43 -9.41 8.95
C LEU A 22 17.75 -8.47 7.97
N ASN A 23 18.51 -8.00 7.01
CA ASN A 23 17.97 -7.18 5.94
C ASN A 23 18.30 -7.76 4.57
N PRO A 24 17.54 -7.40 3.54
CA PRO A 24 17.74 -8.04 2.22
C PRO A 24 19.14 -7.89 1.67
N LYS A 25 19.82 -6.77 1.93
CA LYS A 25 21.17 -6.55 1.41
C LYS A 25 22.21 -7.45 2.08
N ASP A 26 21.89 -8.05 3.23
CA ASP A 26 22.86 -8.88 3.93
C ASP A 26 23.10 -10.18 3.17
N GLU A 27 24.27 -10.75 3.39
CA GLU A 27 24.60 -12.08 2.89
C GLU A 27 25.14 -12.92 4.05
N ILE A 28 24.25 -13.31 4.94
CA ILE A 28 24.58 -14.02 6.16
C ILE A 28 23.75 -15.31 6.23
N SER A 29 24.42 -16.43 6.39
CA SER A 29 23.76 -17.73 6.59
C SER A 29 23.47 -17.92 8.07
N LEU A 30 22.20 -18.11 8.42
CA LEU A 30 21.84 -18.28 9.82
C LEU A 30 22.19 -19.67 10.34
N ASN A 31 22.26 -20.67 9.47
CA ASN A 31 22.53 -22.05 9.82
C ASN A 31 23.90 -22.53 9.33
N SER A 32 24.92 -21.69 9.47
CA SER A 32 26.27 -22.06 9.08
C SER A 32 27.02 -22.80 10.18
N GLY A 33 26.48 -22.81 11.40
CA GLY A 33 27.18 -23.32 12.56
C GLY A 33 27.82 -22.25 13.42
N LYS A 34 27.91 -21.02 12.92
CA LYS A 34 28.33 -19.90 13.76
C LYS A 34 27.34 -19.76 14.92
N PRO A 35 27.81 -19.43 16.12
CA PRO A 35 26.89 -19.39 17.26
C PRO A 35 25.98 -18.18 17.18
N PHE A 36 24.80 -18.35 17.77
CA PHE A 36 23.80 -17.29 17.80
C PHE A 36 24.41 -15.99 18.30
N ARG A 37 25.21 -16.04 19.37
CA ARG A 37 25.77 -14.81 19.95
C ARG A 37 26.54 -13.97 18.92
N GLU A 38 27.25 -14.61 18.01
CA GLU A 38 28.07 -13.88 17.07
C GLU A 38 27.24 -13.36 15.91
N LEU A 39 26.30 -14.19 15.43
CA LEU A 39 25.35 -13.71 14.42
C LEU A 39 24.54 -12.54 14.93
N GLU A 40 24.03 -12.62 16.16
CA GLU A 40 23.26 -11.50 16.70
C GLU A 40 24.11 -10.25 16.84
N SER A 41 25.34 -10.38 17.37
CA SER A 41 26.19 -9.21 17.54
CA SER A 41 26.17 -9.19 17.54
CA SER A 41 26.19 -9.21 17.54
C SER A 41 26.54 -8.56 16.20
N GLU A 42 26.83 -9.38 15.19
CA GLU A 42 27.15 -8.84 13.87
C GLU A 42 25.96 -8.08 13.30
N LEU A 43 24.76 -8.67 13.39
CA LEU A 43 23.59 -8.02 12.79
C LEU A 43 23.20 -6.78 13.57
N LEU A 44 23.35 -6.80 14.90
CA LEU A 44 23.07 -5.60 15.70
C LEU A 44 24.00 -4.46 15.31
N SER A 45 25.27 -4.76 15.05
CA SER A 45 26.21 -3.71 14.65
CA SER A 45 26.21 -3.71 14.65
CA SER A 45 26.21 -3.72 14.65
C SER A 45 25.86 -3.15 13.28
N ARG A 46 25.47 -4.00 12.34
CA ARG A 46 25.09 -3.52 11.00
C ARG A 46 23.85 -2.63 11.09
N ARG A 47 22.86 -3.03 11.90
CA ARG A 47 21.60 -2.27 11.92
C ARG A 47 21.77 -0.93 12.65
N LYS A 48 22.54 -0.91 13.75
CA LYS A 48 22.88 0.37 14.39
C LYS A 48 23.57 1.31 13.40
N LYS A 49 24.52 0.77 12.63
N LYS A 49 24.50 0.78 12.60
CA LYS A 49 25.20 1.59 11.62
CA LYS A 49 25.18 1.64 11.64
C LYS A 49 24.21 2.11 10.59
C LYS A 49 24.22 2.11 10.55
N ASP A 50 23.29 1.25 10.15
CA ASP A 50 22.28 1.65 9.18
C ASP A 50 21.42 2.79 9.71
N LEU A 51 20.94 2.67 10.95
CA LEU A 51 20.09 3.71 11.54
C LEU A 51 20.88 4.99 11.78
N GLN A 52 22.14 4.87 12.21
CA GLN A 52 22.97 6.06 12.39
C GLN A 52 23.15 6.81 11.06
N GLN A 53 23.31 6.08 9.96
CA GLN A 53 23.47 6.71 8.64
C GLN A 53 22.18 7.42 8.24
N ILE A 54 21.02 6.79 8.46
CA ILE A 54 19.76 7.46 8.15
C ILE A 54 19.64 8.75 8.96
N TYR A 55 19.98 8.69 10.24
CA TYR A 55 19.83 9.85 11.11
C TYR A 55 20.77 10.96 10.69
N ALA A 56 21.98 10.61 10.27
CA ALA A 56 22.95 11.64 9.89
C ALA A 56 22.65 12.27 8.55
N GLU A 57 22.07 11.53 7.58
CA GLU A 57 22.10 11.96 6.16
C GLU A 57 20.76 12.03 5.43
N GLU A 58 19.70 11.38 5.90
CA GLU A 58 18.45 11.34 5.15
C GLU A 58 17.30 11.92 5.98
N ARG A 59 16.92 11.20 7.00
CA ARG A 59 15.95 11.44 8.05
C ARG A 59 14.51 11.33 7.59
N GLU A 60 14.25 10.93 6.35
CA GLU A 60 12.87 10.82 5.84
C GLU A 60 12.37 9.37 5.99
N ASN A 61 11.11 9.27 6.42
CA ASN A 61 10.41 8.00 6.57
C ASN A 61 10.03 7.45 5.19
N TYR A 62 10.17 6.14 4.99
CA TYR A 62 9.90 5.60 3.66
C TYR A 62 8.44 5.81 3.22
N LEU A 63 7.48 5.60 4.14
CA LEU A 63 6.08 5.78 3.76
C LEU A 63 5.78 7.25 3.46
N GLY A 64 6.31 8.16 4.29
CA GLY A 64 6.09 9.57 4.04
C GLY A 64 6.74 10.04 2.75
N LYS A 65 7.98 9.64 2.52
CA LYS A 65 8.68 9.99 1.27
C LYS A 65 7.98 9.45 0.03
N LEU A 66 7.49 8.21 0.06
CA LEU A 66 6.80 7.66 -1.09
C LEU A 66 5.49 8.41 -1.32
N GLU A 67 4.75 8.72 -0.25
CA GLU A 67 3.53 9.51 -0.42
C GLU A 67 3.86 10.83 -1.10
N ARG A 68 4.96 11.49 -0.68
CA ARG A 68 5.29 12.79 -1.29
C ARG A 68 5.68 12.62 -2.76
N GLU A 69 6.42 11.56 -3.09
CA GLU A 69 6.81 11.31 -4.49
C GLU A 69 5.58 11.06 -5.36
N ILE A 70 4.67 10.21 -4.89
CA ILE A 70 3.43 9.92 -5.62
C ILE A 70 2.59 11.17 -5.78
N THR A 71 2.47 11.97 -4.71
CA THR A 71 1.69 13.23 -4.77
C THR A 71 2.22 14.14 -5.87
N ARG A 72 3.54 14.31 -5.96
CA ARG A 72 4.10 15.15 -7.01
C ARG A 72 3.77 14.60 -8.39
N PHE A 73 3.89 13.29 -8.59
CA PHE A 73 3.57 12.70 -9.90
C PHE A 73 2.15 13.03 -10.33
N PHE A 74 1.17 12.82 -9.45
CA PHE A 74 -0.21 13.04 -9.88
C PHE A 74 -0.57 14.53 -9.93
N VAL A 75 -0.09 15.36 -9.00
CA VAL A 75 -0.34 16.79 -9.13
C VAL A 75 0.19 17.31 -10.45
N ASP A 76 1.40 16.89 -10.82
CA ASP A 76 1.99 17.37 -12.07
C ASP A 76 1.25 16.92 -13.31
N ARG A 77 0.50 15.82 -13.24
CA ARG A 77 -0.29 15.34 -14.37
C ARG A 77 -1.74 15.83 -14.35
N GLY A 78 -2.06 16.79 -13.48
CA GLY A 78 -3.36 17.44 -13.51
C GLY A 78 -4.41 16.87 -12.58
N PHE A 79 -4.03 16.05 -11.59
CA PHE A 79 -4.97 15.47 -10.65
C PHE A 79 -4.97 16.30 -9.36
N LEU A 80 -6.17 16.58 -8.85
CA LEU A 80 -6.34 17.33 -7.60
C LEU A 80 -6.10 16.44 -6.37
N GLU A 81 -5.27 16.92 -5.43
CA GLU A 81 -4.95 16.18 -4.21
C GLU A 81 -6.09 16.30 -3.18
N ILE A 82 -6.61 15.14 -2.75
CA ILE A 82 -7.73 15.05 -1.82
C ILE A 82 -7.22 14.52 -0.47
N LYS A 83 -7.72 15.09 0.63
CA LYS A 83 -7.51 14.50 1.96
C LYS A 83 -8.90 14.44 2.61
N SER A 84 -9.47 13.23 2.71
CA SER A 84 -10.86 13.04 3.15
C SER A 84 -10.87 12.27 4.47
N PRO A 85 -12.02 12.14 5.13
CA PRO A 85 -12.03 11.50 6.45
C PRO A 85 -11.58 10.04 6.42
N ILE A 86 -10.90 9.63 7.50
CA ILE A 86 -10.54 8.22 7.70
C ILE A 86 -11.65 7.50 8.48
N LEU A 87 -12.25 8.22 9.44
CA LEU A 87 -13.40 7.76 10.21
C LEU A 87 -14.66 8.14 9.43
N ILE A 88 -15.41 7.14 8.95
CA ILE A 88 -16.51 7.36 7.99
C ILE A 88 -17.79 6.73 8.51
N PRO A 89 -18.95 7.09 7.93
CA PRO A 89 -20.21 6.44 8.34
C PRO A 89 -20.25 4.97 7.95
N LEU A 90 -20.74 4.15 8.88
CA LEU A 90 -20.95 2.72 8.60
C LEU A 90 -21.88 2.51 7.41
N GLU A 91 -22.81 3.44 7.18
CA GLU A 91 -23.73 3.38 6.05
C GLU A 91 -23.01 3.35 4.71
N TYR A 92 -21.81 3.96 4.62
CA TYR A 92 -21.09 3.93 3.36
C TYR A 92 -20.76 2.50 2.95
N ILE A 93 -20.65 1.60 3.93
CA ILE A 93 -20.24 0.22 3.66
C ILE A 93 -21.34 -0.56 2.96
N GLU A 94 -22.57 -0.48 3.47
CA GLU A 94 -23.67 -1.17 2.80
C GLU A 94 -23.94 -0.57 1.44
N ARG A 95 -23.82 0.76 1.31
CA ARG A 95 -24.05 1.42 0.04
C ARG A 95 -22.97 1.13 -0.99
N MET A 96 -21.76 0.76 -0.55
CA MET A 96 -20.76 0.30 -1.52
C MET A 96 -21.03 -1.11 -2.03
N GLY A 97 -22.09 -1.76 -1.54
CA GLY A 97 -22.37 -3.11 -1.97
C GLY A 97 -21.57 -4.17 -1.24
N ILE A 98 -21.28 -3.93 0.04
CA ILE A 98 -20.53 -4.88 0.86
C ILE A 98 -21.57 -5.59 1.71
N ASP A 99 -22.14 -6.67 1.17
CA ASP A 99 -23.20 -7.36 1.89
C ASP A 99 -22.66 -8.03 3.14
N ASN A 100 -23.46 -7.99 4.21
CA ASN A 100 -23.03 -8.51 5.50
C ASN A 100 -23.64 -9.88 5.80
N LEU A 104 -16.67 -8.68 1.43
CA LEU A 104 -16.30 -9.28 2.71
C LEU A 104 -16.48 -8.27 3.86
N SER A 105 -17.71 -8.22 4.38
CA SER A 105 -18.08 -7.27 5.41
C SER A 105 -17.42 -7.56 6.76
N LYS A 106 -16.90 -8.78 6.96
CA LYS A 106 -16.32 -9.17 8.23
C LYS A 106 -14.99 -8.49 8.50
N GLN A 107 -14.45 -7.76 7.54
CA GLN A 107 -13.14 -7.16 7.70
C GLN A 107 -13.19 -5.76 8.28
N ILE A 108 -14.36 -5.24 8.61
CA ILE A 108 -14.51 -3.81 8.92
C ILE A 108 -14.26 -3.57 10.39
N PHE A 109 -13.41 -2.57 10.71
CA PHE A 109 -13.25 -2.12 12.08
C PHE A 109 -14.37 -1.13 12.40
N ARG A 110 -15.23 -1.49 13.36
CA ARG A 110 -16.34 -0.64 13.74
C ARG A 110 -15.96 0.32 14.86
N VAL A 111 -16.51 1.53 14.80
CA VAL A 111 -16.23 2.57 15.78
C VAL A 111 -17.55 3.08 16.33
N ASP A 112 -17.76 2.86 17.64
CA ASP A 112 -18.88 3.37 18.41
C ASP A 112 -20.17 3.47 17.59
N LYS A 113 -20.71 2.32 17.19
CA LYS A 113 -22.07 2.16 16.71
C LYS A 113 -22.32 2.53 15.25
N ASN A 114 -22.15 3.79 14.90
CA ASN A 114 -22.55 4.27 13.58
C ASN A 114 -21.38 4.58 12.66
N PHE A 115 -20.14 4.34 13.08
CA PHE A 115 -18.98 4.71 12.29
C PHE A 115 -18.06 3.51 12.08
N CYS A 116 -17.11 3.66 11.15
CA CYS A 116 -16.09 2.63 10.96
C CYS A 116 -14.83 3.30 10.44
N LEU A 117 -13.74 2.56 10.49
CA LEU A 117 -12.52 2.98 9.81
C LEU A 117 -12.63 2.59 8.33
N ARG A 118 -12.35 3.54 7.44
CA ARG A 118 -12.52 3.24 6.02
C ARG A 118 -11.66 2.06 5.58
N PRO A 119 -12.22 1.09 4.85
CA PRO A 119 -11.40 0.01 4.29
C PRO A 119 -10.86 0.31 2.89
N MET A 120 -11.28 1.41 2.29
CA MET A 120 -10.90 1.80 0.93
C MET A 120 -11.19 3.29 0.80
N LEU A 121 -10.64 3.90 -0.23
CA LEU A 121 -10.87 5.32 -0.47
C LEU A 121 -12.05 5.60 -1.39
N ALA A 122 -12.56 4.59 -2.11
CA ALA A 122 -13.51 4.84 -3.19
C ALA A 122 -14.74 5.64 -2.79
N PRO A 123 -15.44 5.35 -1.67
CA PRO A 123 -16.68 6.11 -1.39
C PRO A 123 -16.43 7.60 -1.24
N ASN A 124 -15.38 8.03 -0.54
CA ASN A 124 -15.13 9.45 -0.41
C ASN A 124 -14.76 10.07 -1.76
N LEU A 125 -14.03 9.32 -2.60
CA LEU A 125 -13.66 9.86 -3.91
C LEU A 125 -14.86 9.94 -4.84
N ALA A 126 -15.78 8.96 -4.77
CA ALA A 126 -17.04 9.06 -5.51
C ALA A 126 -17.81 10.32 -5.13
N ASN A 127 -17.88 10.64 -3.83
CA ASN A 127 -18.57 11.87 -3.44
C ASN A 127 -17.89 13.11 -4.02
N TYR A 128 -16.55 13.16 -3.97
CA TYR A 128 -15.83 14.27 -4.57
C TYR A 128 -16.02 14.37 -6.07
N LEU A 129 -16.00 13.25 -6.81
CA LEU A 129 -16.23 13.32 -8.26
C LEU A 129 -17.57 13.95 -8.55
N ARG A 130 -18.63 13.46 -7.87
CA ARG A 130 -19.97 14.02 -8.07
C ARG A 130 -20.02 15.50 -7.78
N LYS A 131 -19.46 15.93 -6.63
CA LYS A 131 -19.53 17.34 -6.26
C LYS A 131 -18.68 18.21 -7.19
N LEU A 132 -17.46 17.78 -7.50
CA LEU A 132 -16.59 18.62 -8.31
C LEU A 132 -17.07 18.75 -9.75
N ASP A 133 -17.83 17.76 -10.25
CA ASP A 133 -18.36 17.83 -11.62
C ASP A 133 -19.29 19.03 -11.80
N ARG A 134 -19.80 19.59 -10.70
CA ARG A 134 -20.65 20.77 -10.79
C ARG A 134 -19.85 22.06 -10.93
N ALA A 135 -18.52 22.02 -10.79
CA ALA A 135 -17.76 23.27 -10.76
C ALA A 135 -16.55 23.25 -11.68
N LEU A 136 -15.99 22.06 -11.96
CA LEU A 136 -14.73 21.96 -12.70
C LEU A 136 -14.94 21.51 -14.13
N PRO A 137 -14.01 21.85 -15.03
CA PRO A 137 -14.16 21.44 -16.43
C PRO A 137 -13.81 19.98 -16.64
N ASP A 138 -14.40 19.42 -17.68
CA ASP A 138 -14.16 18.05 -18.08
C ASP A 138 -12.74 17.89 -18.63
N PRO A 139 -12.00 16.85 -18.22
CA PRO A 139 -12.37 15.77 -17.27
C PRO A 139 -11.97 16.12 -15.84
N ILE A 140 -12.66 15.49 -14.89
CA ILE A 140 -12.38 15.61 -13.45
C ILE A 140 -11.34 14.55 -13.10
N LYS A 141 -10.20 14.99 -12.56
CA LYS A 141 -9.09 14.09 -12.20
C LYS A 141 -8.71 14.38 -10.75
N ILE A 142 -8.82 13.37 -9.88
CA ILE A 142 -8.47 13.52 -8.47
C ILE A 142 -7.73 12.29 -7.96
N PHE A 143 -7.09 12.43 -6.82
CA PHE A 143 -6.45 11.28 -6.17
C PHE A 143 -6.36 11.51 -4.68
N GLU A 144 -6.21 10.42 -3.93
CA GLU A 144 -5.94 10.50 -2.49
C GLU A 144 -4.95 9.42 -2.09
N ILE A 145 -4.10 9.75 -1.11
CA ILE A 145 -3.24 8.80 -0.43
C ILE A 145 -3.55 8.86 1.06
N GLY A 146 -3.78 7.71 1.71
CA GLY A 146 -3.89 7.74 3.15
C GLY A 146 -4.22 6.40 3.76
N PRO A 147 -4.34 6.39 5.08
CA PRO A 147 -4.59 5.15 5.83
C PRO A 147 -5.95 4.53 5.49
N CYS A 148 -5.95 3.19 5.37
CA CYS A 148 -7.16 2.36 5.30
C CYS A 148 -6.96 1.15 6.21
N TYR A 149 -8.08 0.49 6.57
CA TYR A 149 -8.11 -0.51 7.65
C TYR A 149 -8.96 -1.71 7.27
N ARG A 150 -8.41 -2.90 7.44
CA ARG A 150 -9.13 -4.16 7.23
C ARG A 150 -8.67 -5.19 8.25
N LYS A 151 -9.62 -5.95 8.81
CA LYS A 151 -9.22 -7.11 9.58
C LYS A 151 -8.75 -8.19 8.62
N GLU A 152 -7.55 -8.72 8.85
CA GLU A 152 -6.94 -9.69 7.96
C GLU A 152 -6.37 -10.86 8.75
N SER A 153 -6.29 -12.00 8.09
CA SER A 153 -5.49 -13.10 8.57
C SER A 153 -4.01 -12.73 8.52
N ASP A 154 -3.21 -13.33 9.39
CA ASP A 154 -1.79 -13.06 9.41
C ASP A 154 -1.16 -13.55 8.11
N GLY A 155 -0.49 -12.65 7.39
CA GLY A 155 0.14 -13.01 6.14
C GLY A 155 1.25 -12.06 5.80
N LYS A 156 2.07 -12.49 4.83
CA LYS A 156 3.26 -11.77 4.41
C LYS A 156 2.95 -10.55 3.54
N GLU A 157 1.73 -10.44 3.01
CA GLU A 157 1.35 -9.36 2.10
C GLU A 157 0.19 -8.52 2.61
N HIS A 158 -0.29 -8.73 3.84
CA HIS A 158 -1.42 -8.00 4.38
C HIS A 158 -1.07 -7.33 5.69
N LEU A 159 -1.58 -6.11 5.86
CA LEU A 159 -1.55 -5.36 7.11
C LEU A 159 -2.97 -4.99 7.50
N GLU A 160 -3.23 -4.84 8.81
CA GLU A 160 -4.55 -4.38 9.19
C GLU A 160 -4.67 -2.86 9.07
N GLU A 161 -3.54 -2.15 9.17
CA GLU A 161 -3.45 -0.72 8.94
C GLU A 161 -2.47 -0.51 7.79
N PHE A 162 -2.97 -0.07 6.64
CA PHE A 162 -2.13 0.08 5.46
C PHE A 162 -2.42 1.45 4.85
N THR A 163 -1.73 1.76 3.75
CA THR A 163 -1.83 3.05 3.09
C THR A 163 -2.21 2.83 1.63
N MET A 164 -3.31 3.42 1.19
N MET A 164 -3.32 3.43 1.21
CA MET A 164 -3.75 3.26 -0.19
CA MET A 164 -3.83 3.33 -0.16
C MET A 164 -3.65 4.55 -0.98
C MET A 164 -3.50 4.59 -0.94
N LEU A 165 -3.18 4.43 -2.22
CA LEU A 165 -3.33 5.46 -3.26
C LEU A 165 -4.54 5.08 -4.10
N ASN A 166 -5.47 6.01 -4.36
CA ASN A 166 -6.52 5.80 -5.37
C ASN A 166 -6.52 7.03 -6.23
N PHE A 167 -6.30 6.87 -7.55
CA PHE A 167 -6.53 7.97 -8.47
C PHE A 167 -7.72 7.64 -9.36
N CYS A 168 -8.38 8.68 -9.85
CA CYS A 168 -9.53 8.39 -10.71
C CYS A 168 -9.83 9.59 -11.57
N GLN A 169 -10.64 9.35 -12.60
CA GLN A 169 -10.96 10.33 -13.63
C GLN A 169 -12.40 10.09 -14.03
N MET A 170 -13.12 11.19 -14.30
CA MET A 170 -14.52 11.09 -14.73
C MET A 170 -14.77 12.07 -15.86
N GLY A 171 -15.41 11.58 -16.92
CA GLY A 171 -15.73 12.38 -18.09
C GLY A 171 -15.08 11.80 -19.34
N SER A 172 -14.46 12.69 -20.12
CA SER A 172 -13.77 12.23 -21.31
C SER A 172 -12.49 11.50 -20.91
N GLY A 173 -11.95 10.74 -21.87
CA GLY A 173 -10.71 10.03 -21.62
C GLY A 173 -10.79 8.84 -20.71
N CYS A 174 -11.99 8.33 -20.42
CA CYS A 174 -12.14 7.27 -19.43
C CYS A 174 -12.28 5.92 -20.14
N THR A 175 -11.19 5.54 -20.80
CA THR A 175 -11.07 4.31 -21.56
C THR A 175 -10.07 3.36 -20.90
N ARG A 176 -10.21 2.07 -21.24
CA ARG A 176 -9.23 1.09 -20.77
CA ARG A 176 -9.23 1.09 -20.77
C ARG A 176 -7.82 1.48 -21.21
N GLU A 177 -7.66 1.93 -22.46
CA GLU A 177 -6.31 2.25 -22.91
C GLU A 177 -5.72 3.45 -22.14
N ASN A 178 -6.51 4.47 -21.82
CA ASN A 178 -5.95 5.55 -21.02
C ASN A 178 -5.63 5.10 -19.59
N LEU A 179 -6.51 4.30 -18.98
CA LEU A 179 -6.23 3.75 -17.65
C LEU A 179 -4.93 2.96 -17.65
N GLU A 180 -4.75 2.06 -18.64
CA GLU A 180 -3.51 1.29 -18.65
C GLU A 180 -2.31 2.19 -18.89
N SER A 181 -2.48 3.26 -19.69
CA SER A 181 -1.35 4.17 -19.94
CA SER A 181 -1.35 4.17 -19.94
C SER A 181 -0.93 4.93 -18.67
N ILE A 182 -1.90 5.33 -17.83
CA ILE A 182 -1.54 6.02 -16.59
C ILE A 182 -0.81 5.07 -15.65
N ILE A 183 -1.33 3.85 -15.51
CA ILE A 183 -0.70 2.83 -14.67
C ILE A 183 0.73 2.57 -15.16
N THR A 184 0.91 2.47 -16.48
CA THR A 184 2.23 2.24 -17.04
C THR A 184 3.18 3.40 -16.75
N ASP A 185 2.75 4.64 -16.98
N ASP A 185 2.71 4.63 -16.99
CA ASP A 185 3.63 5.75 -16.66
CA ASP A 185 3.47 5.85 -16.69
C ASP A 185 3.96 5.79 -15.18
C ASP A 185 3.89 5.89 -15.22
N PHE A 186 2.97 5.53 -14.32
CA PHE A 186 3.21 5.59 -12.88
C PHE A 186 4.22 4.55 -12.42
N LEU A 187 4.04 3.29 -12.83
CA LEU A 187 4.97 2.26 -12.38
C LEU A 187 6.31 2.37 -13.06
N ASN A 188 6.36 2.88 -14.29
CA ASN A 188 7.65 3.21 -14.91
C ASN A 188 8.38 4.28 -14.11
N HIS A 189 7.66 5.28 -13.59
CA HIS A 189 8.27 6.31 -12.76
C HIS A 189 8.90 5.72 -11.50
N LEU A 190 8.25 4.74 -10.89
CA LEU A 190 8.76 4.07 -9.71
C LEU A 190 9.78 2.99 -10.02
N GLY A 191 9.93 2.59 -11.28
CA GLY A 191 10.88 1.55 -11.63
C GLY A 191 10.42 0.13 -11.34
N ILE A 192 9.11 -0.11 -11.37
CA ILE A 192 8.54 -1.40 -10.98
C ILE A 192 7.91 -2.05 -12.21
N ASP A 193 8.38 -3.26 -12.53
CA ASP A 193 7.84 -4.05 -13.63
C ASP A 193 6.50 -4.67 -13.24
N PHE A 194 5.65 -4.87 -14.22
CA PHE A 194 4.34 -5.44 -13.92
C PHE A 194 3.69 -6.02 -15.16
N LYS A 195 2.60 -6.75 -14.93
CA LYS A 195 1.70 -7.17 -15.99
C LYS A 195 0.27 -6.95 -15.53
N ILE A 196 -0.67 -6.92 -16.47
CA ILE A 196 -2.10 -6.76 -16.19
C ILE A 196 -2.81 -8.08 -16.44
N VAL A 197 -3.63 -8.51 -15.47
CA VAL A 197 -4.42 -9.73 -15.60
C VAL A 197 -5.86 -9.43 -15.20
N GLY A 198 -6.80 -10.07 -15.87
CA GLY A 198 -8.20 -9.92 -15.49
C GLY A 198 -8.51 -10.64 -14.20
N ASP A 199 -9.37 -10.02 -13.38
CA ASP A 199 -9.89 -10.64 -12.17
C ASP A 199 -11.28 -10.07 -11.95
N SER A 200 -11.88 -10.39 -10.80
CA SER A 200 -13.18 -9.83 -10.46
C SER A 200 -13.27 -9.66 -8.96
N CYS A 201 -14.17 -8.77 -8.54
CA CYS A 201 -14.37 -8.55 -7.11
C CYS A 201 -15.83 -8.21 -6.86
N MET A 202 -16.24 -8.40 -5.61
CA MET A 202 -17.65 -8.28 -5.24
C MET A 202 -18.16 -6.86 -5.39
N VAL A 203 -17.31 -5.86 -5.18
CA VAL A 203 -17.77 -4.47 -5.17
C VAL A 203 -17.89 -3.90 -6.57
N PHE A 204 -16.85 -4.06 -7.39
CA PHE A 204 -16.78 -3.35 -8.66
C PHE A 204 -17.02 -4.22 -9.88
N GLY A 205 -17.00 -5.54 -9.73
CA GLY A 205 -17.15 -6.43 -10.88
C GLY A 205 -15.80 -6.80 -11.45
N ASP A 206 -15.68 -6.71 -12.78
CA ASP A 206 -14.42 -7.04 -13.43
C ASP A 206 -13.36 -6.02 -13.08
N THR A 207 -12.16 -6.49 -12.78
CA THR A 207 -11.03 -5.61 -12.52
C THR A 207 -9.88 -5.95 -13.45
N LEU A 208 -9.03 -4.95 -13.64
CA LEU A 208 -7.70 -5.13 -14.19
C LEU A 208 -6.74 -5.17 -13.01
N ASP A 209 -6.22 -6.34 -12.69
CA ASP A 209 -5.28 -6.43 -11.57
C ASP A 209 -3.86 -6.22 -12.09
N VAL A 210 -3.13 -5.34 -11.40
CA VAL A 210 -1.75 -5.01 -11.71
C VAL A 210 -0.87 -5.92 -10.86
N MET A 211 -0.11 -6.82 -11.50
CA MET A 211 0.61 -7.88 -10.81
C MET A 211 2.12 -7.70 -10.95
N HIS A 212 2.85 -7.88 -9.87
CA HIS A 212 4.31 -7.99 -9.92
C HIS A 212 4.60 -9.41 -9.46
N GLY A 213 4.88 -10.30 -10.41
CA GLY A 213 4.88 -11.72 -10.06
C GLY A 213 3.51 -12.14 -9.56
N ASP A 214 3.45 -12.78 -8.40
N ASP A 214 3.48 -12.77 -8.39
CA ASP A 214 2.17 -13.17 -7.84
CA ASP A 214 2.22 -13.20 -7.79
C ASP A 214 1.61 -12.14 -6.88
C ASP A 214 1.69 -12.20 -6.77
N LEU A 215 2.27 -10.99 -6.73
CA LEU A 215 1.88 -9.95 -5.79
C LEU A 215 0.96 -8.95 -6.50
N GLU A 216 -0.26 -8.82 -5.97
CA GLU A 216 -1.21 -7.84 -6.49
C GLU A 216 -0.85 -6.44 -5.99
N LEU A 217 -0.41 -5.58 -6.91
CA LEU A 217 -0.14 -4.19 -6.54
C LEU A 217 -1.40 -3.33 -6.55
N SER A 218 -2.34 -3.62 -7.45
CA SER A 218 -3.49 -2.74 -7.63
C SER A 218 -4.64 -3.55 -8.24
N SER A 219 -5.85 -3.12 -7.92
CA SER A 219 -7.02 -3.38 -8.75
C SER A 219 -7.50 -2.09 -9.38
N ALA A 220 -7.83 -2.16 -10.67
CA ALA A 220 -8.28 -1.00 -11.43
C ALA A 220 -9.59 -1.34 -12.12
N VAL A 221 -10.38 -0.30 -12.39
CA VAL A 221 -11.74 -0.50 -12.88
C VAL A 221 -12.04 0.50 -13.98
N VAL A 222 -12.73 0.01 -15.03
CA VAL A 222 -13.30 0.87 -16.07
C VAL A 222 -14.82 0.90 -15.90
N GLY A 223 -15.35 2.06 -15.56
CA GLY A 223 -16.79 2.23 -15.45
C GLY A 223 -17.41 2.47 -16.80
N PRO A 224 -18.73 2.70 -16.81
CA PRO A 224 -19.67 2.69 -15.68
C PRO A 224 -19.93 1.29 -15.12
N ILE A 225 -20.39 1.23 -13.88
CA ILE A 225 -20.85 0.00 -13.24
C ILE A 225 -22.19 0.29 -12.56
N PRO A 226 -22.99 -0.73 -12.27
CA PRO A 226 -24.34 -0.47 -11.74
C PRO A 226 -24.32 0.31 -10.43
N LEU A 227 -23.28 0.12 -9.61
CA LEU A 227 -23.15 0.83 -8.35
C LEU A 227 -23.15 2.34 -8.52
N ASP A 228 -22.84 2.85 -9.72
CA ASP A 228 -22.74 4.29 -9.93
C ASP A 228 -24.01 5.02 -9.48
N ARG A 229 -25.18 4.45 -9.79
CA ARG A 229 -26.44 5.13 -9.46
C ARG A 229 -26.56 5.41 -7.96
N GLU A 230 -26.09 4.48 -7.12
CA GLU A 230 -26.19 4.65 -5.68
C GLU A 230 -25.35 5.81 -5.17
N TRP A 231 -24.38 6.26 -5.96
CA TRP A 231 -23.48 7.33 -5.56
C TRP A 231 -23.65 8.57 -6.41
N GLY A 232 -24.68 8.61 -7.26
CA GLY A 232 -24.89 9.79 -8.06
C GLY A 232 -23.88 10.00 -9.17
N ILE A 233 -23.19 8.94 -9.58
CA ILE A 233 -22.20 9.01 -10.65
C ILE A 233 -22.91 8.63 -11.95
N ASP A 234 -22.83 9.50 -12.94
CA ASP A 234 -23.59 9.32 -14.18
C ASP A 234 -22.77 9.65 -15.43
N LYS A 235 -21.47 9.41 -15.37
CA LYS A 235 -20.55 9.63 -16.49
C LYS A 235 -19.55 8.48 -16.52
N PRO A 236 -18.86 8.31 -17.64
CA PRO A 236 -17.76 7.32 -17.67
C PRO A 236 -16.71 7.71 -16.65
N TRP A 237 -16.03 6.70 -16.12
CA TRP A 237 -14.97 6.94 -15.17
C TRP A 237 -13.98 5.79 -15.22
N ILE A 238 -12.77 6.06 -14.72
CA ILE A 238 -11.75 5.03 -14.55
C ILE A 238 -11.08 5.28 -13.22
N GLY A 239 -10.52 4.24 -12.62
CA GLY A 239 -9.81 4.42 -11.35
C GLY A 239 -8.97 3.23 -10.99
N ALA A 240 -8.03 3.44 -10.07
CA ALA A 240 -7.17 2.35 -9.61
C ALA A 240 -6.73 2.60 -8.17
N GLY A 241 -6.66 1.53 -7.39
CA GLY A 241 -6.17 1.58 -6.01
C GLY A 241 -4.92 0.75 -5.82
N PHE A 242 -3.90 1.33 -5.19
CA PHE A 242 -2.59 0.72 -4.98
C PHE A 242 -2.25 0.73 -3.50
N GLY A 243 -1.64 -0.34 -3.00
CA GLY A 243 -1.09 -0.31 -1.65
C GLY A 243 0.35 0.19 -1.57
N LEU A 244 0.59 1.26 -0.80
CA LEU A 244 1.95 1.81 -0.76
C LEU A 244 2.95 0.84 -0.09
N GLU A 245 2.50 0.13 0.95
CA GLU A 245 3.42 -0.81 1.60
C GLU A 245 3.79 -1.94 0.66
N ARG A 246 2.88 -2.38 -0.23
CA ARG A 246 3.27 -3.39 -1.23
C ARG A 246 4.28 -2.81 -2.22
N LEU A 247 4.10 -1.57 -2.65
CA LEU A 247 5.12 -0.94 -3.50
C LEU A 247 6.49 -0.94 -2.81
N LEU A 248 6.54 -0.56 -1.52
CA LEU A 248 7.79 -0.52 -0.78
C LEU A 248 8.38 -1.91 -0.62
N LYS A 249 7.52 -2.91 -0.41
CA LYS A 249 7.99 -4.30 -0.32
C LYS A 249 8.71 -4.73 -1.61
N VAL A 250 8.18 -4.34 -2.77
CA VAL A 250 8.84 -4.68 -4.03
C VAL A 250 10.13 -3.89 -4.19
N LYS A 251 10.07 -2.57 -3.94
CA LYS A 251 11.23 -1.70 -4.11
C LYS A 251 12.42 -2.15 -3.28
N HIS A 252 12.18 -2.55 -2.03
CA HIS A 252 13.24 -2.89 -1.10
C HIS A 252 13.41 -4.39 -0.89
N ASP A 253 12.68 -5.23 -1.63
N ASP A 253 12.66 -5.22 -1.61
CA ASP A 253 12.82 -6.69 -1.56
CA ASP A 253 12.80 -6.69 -1.54
C ASP A 253 12.57 -7.23 -0.15
C ASP A 253 12.61 -7.21 -0.12
N PHE A 254 11.64 -6.64 0.59
CA PHE A 254 11.33 -7.12 1.94
C PHE A 254 10.64 -8.48 1.86
N LYS A 255 10.96 -9.34 2.83
CA LYS A 255 10.29 -10.64 2.92
C LYS A 255 8.88 -10.52 3.44
N ASN A 256 8.66 -9.61 4.39
CA ASN A 256 7.35 -9.44 4.99
C ASN A 256 6.98 -7.98 4.90
N ILE A 257 5.72 -7.73 4.53
CA ILE A 257 5.20 -6.38 4.42
C ILE A 257 5.27 -5.59 5.74
N LYS A 258 5.42 -6.28 6.89
CA LYS A 258 5.49 -5.53 8.15
C LYS A 258 6.68 -4.59 8.18
N ARG A 259 7.73 -4.89 7.42
CA ARG A 259 8.91 -4.02 7.37
C ARG A 259 8.58 -2.62 6.91
N ALA A 260 7.50 -2.50 6.14
CA ALA A 260 7.11 -1.30 5.43
C ALA A 260 6.02 -0.52 6.16
N ALA A 261 5.44 -1.09 7.21
CA ALA A 261 4.21 -0.58 7.82
C ALA A 261 4.51 0.53 8.82
N ARG A 262 3.47 1.31 9.14
CA ARG A 262 3.47 2.10 10.37
C ARG A 262 3.73 1.17 11.52
N SER A 263 4.71 1.51 12.34
CA SER A 263 5.15 0.53 13.30
C SER A 263 6.00 1.25 14.32
N GLY A 264 6.03 0.70 15.52
CA GLY A 264 7.10 1.02 16.42
C GLY A 264 8.25 0.03 16.36
N SER A 265 8.08 -1.05 15.59
CA SER A 265 9.03 -2.17 15.56
CA SER A 265 9.02 -2.16 15.56
C SER A 265 10.05 -2.08 14.44
N TYR A 266 9.82 -1.26 13.41
CA TYR A 266 10.76 -1.11 12.30
C TYR A 266 10.77 0.34 11.85
N TYR A 267 11.96 0.85 11.54
CA TYR A 267 12.12 2.17 10.95
C TYR A 267 12.82 2.01 9.60
N ASN A 268 12.11 2.36 8.52
CA ASN A 268 12.63 2.18 7.16
C ASN A 268 13.20 0.76 6.98
N GLY A 269 12.47 -0.22 7.49
CA GLY A 269 12.81 -1.63 7.39
C GLY A 269 13.89 -2.10 8.34
N ILE A 270 14.36 -1.25 9.25
N ILE A 270 14.35 -1.26 9.26
CA ILE A 270 15.39 -1.62 10.24
CA ILE A 270 15.37 -1.64 10.24
C ILE A 270 14.72 -1.85 11.59
C ILE A 270 14.69 -1.87 11.57
N SER A 271 15.01 -3.00 12.22
CA SER A 271 14.45 -3.25 13.55
C SER A 271 14.81 -2.13 14.53
N THR A 272 13.80 -1.70 15.31
CA THR A 272 14.03 -0.75 16.36
C THR A 272 14.34 -1.40 17.69
N ASN A 273 14.45 -2.73 17.72
CA ASN A 273 14.75 -3.48 18.95
C ASN A 273 16.23 -3.84 18.91
N LEU A 274 17.06 -2.84 19.25
CA LEU A 274 18.50 -2.90 19.10
C LEU A 274 19.21 -2.76 20.44
MG MG B . -8.25 -8.56 0.39
MG MG C . -7.97 -6.25 -5.72
MG MG D . -7.41 -9.43 -4.84
PG ATP E . -5.82 -9.02 -1.77
O1G ATP E . -6.54 -9.96 -2.74
O2G ATP E . -6.39 -9.12 -0.39
O3G ATP E . -4.34 -9.11 -1.84
PB ATP E . -7.69 -6.91 -2.44
O1B ATP E . -8.23 -7.22 -3.82
O2B ATP E . -8.49 -7.34 -1.25
O3B ATP E . -6.20 -7.50 -2.28
PA ATP E . -8.27 -4.17 -3.12
O1A ATP E . -8.25 -4.34 -4.62
O2A ATP E . -9.57 -4.08 -2.42
O3A ATP E . -7.44 -5.31 -2.42
O5' ATP E . -7.36 -2.92 -2.66
C5' ATP E . -6.51 -2.22 -3.57
C4' ATP E . -5.04 -2.42 -3.19
O4' ATP E . -4.78 -2.13 -1.82
C3' ATP E . -4.52 -3.85 -3.34
O3' ATP E . -4.25 -4.19 -4.72
C2' ATP E . -3.31 -3.88 -2.43
O2' ATP E . -2.20 -3.26 -3.13
C1' ATP E . -3.72 -2.95 -1.30
N9 ATP E . -4.25 -3.68 -0.12
C8 ATP E . -5.52 -4.16 0.02
N7 ATP E . -5.66 -4.76 1.23
C5 ATP E . -4.47 -4.64 1.87
C6 ATP E . -3.95 -5.01 3.17
N6 ATP E . -4.71 -5.63 4.10
N1 ATP E . -2.68 -4.71 3.44
C2 ATP E . -1.87 -4.07 2.55
N3 ATP E . -2.27 -3.66 1.34
C4 ATP E . -3.55 -3.94 0.97
C15 9U9 F . -15.51 5.42 -8.55
C17 9U9 F . -16.34 4.37 -6.27
C20 9U9 F . -19.17 4.10 -7.18
C21 9U9 F . -18.21 5.84 -8.11
C22 9U9 F . -17.02 5.12 -8.71
C 9U9 F . -10.91 -1.73 -5.04
CA 9U9 F . -10.82 -0.19 -5.00
CB 9U9 F . -9.95 0.43 -6.13
CG 9U9 F . -10.72 0.70 -7.43
CD 9U9 F . -10.99 2.19 -7.62
CE 9U9 F . -12.44 2.48 -8.00
C11 9U9 F . -12.62 4.93 -7.58
C14 9U9 F . -14.72 6.28 -7.57
C16 9U9 F . -16.16 4.23 -7.80
C18 9U9 F . -17.33 3.35 -5.66
C19 9U9 F . -18.49 3.59 -6.35
C23 9U9 F . -19.48 4.96 -8.18
N 9U9 F . -10.33 0.15 -3.69
NZ 9U9 F . -13.01 3.59 -7.26
OXT 9U9 F . -11.23 -2.40 -3.89
O 9U9 F . -10.70 -2.42 -6.21
O12 9U9 F . -11.60 5.01 -8.23
O13 9U9 F . -13.35 6.11 -7.19
K K G . 19.23 -11.37 3.56
K K H . 0.36 -0.48 11.72
K K I . 7.79 2.10 10.27
#